data_3QOW
#
_entry.id   3QOW
#
_cell.length_a   153.204
_cell.length_b   153.204
_cell.length_c   51.314
_cell.angle_alpha   90.00
_cell.angle_beta   90.00
_cell.angle_gamma   120.00
#
_symmetry.space_group_name_H-M   'P 65'
#
loop_
_entity.id
_entity.type
_entity.pdbx_description
1 polymer 'Histone-lysine N-methyltransferase'
2 non-polymer S-ADENOSYLMETHIONINE
3 non-polymer 'SULFATE ION'
4 water water
#
_entity_poly.entity_id   1
_entity_poly.type   'polypeptide(L)'
_entity_poly.pdbx_seq_one_letter_code
;MHHHHHHSSGMGEKLELRLKSPVGAEPAVYPWPLPVYDKHHDAAHEIIETIRWVCEEIPDLKLAMENYVLIDYDTKSFES
MQRLCDKYNRAIDSIHQLWKGTTQPMKLNTRPSTGLLRHILQQVYNHSVTDPEKLNNYEPFSPEVYGETSFDLVAQMIDE
IKMTDDDLFVDLGSGVGQVVLQVAAATNCKHHYGVEKADIPAKYAETMDREFRKWMKWYGKKHAEYTLERGDFLSEEWRE
RIANTSVIFVNNFAFGPEVDHQLKERFANMKEGGRIVSSKPFAPLNFRINSRNLSDIGTIMRVVELSPLKGSVSWTGKPV
SYYLHTIDRTILENYFSSLKNPKLREEQEAARRRQQRESKSNAATPTKGPEGKVAGPADAPMDSGAEEEKAGAATVKKPS
PSKARKKKLNKKGRKMAGRKRGRPKK
;
_entity_poly.pdbx_strand_id   A
#
# COMPACT_ATOMS: atom_id res chain seq x y z
N LYS A 14 12.22 -23.62 21.29
CA LYS A 14 13.71 -23.46 21.21
C LYS A 14 14.15 -22.02 21.48
N LEU A 15 15.31 -21.64 20.96
CA LEU A 15 15.80 -20.27 21.07
C LEU A 15 14.80 -19.29 20.44
N GLU A 16 14.55 -18.19 21.13
CA GLU A 16 13.56 -17.21 20.72
C GLU A 16 14.04 -15.79 20.97
N LEU A 17 13.64 -14.89 20.07
CA LEU A 17 13.77 -13.46 20.30
C LEU A 17 12.38 -12.85 20.40
N ARG A 18 12.20 -11.94 21.37
CA ARG A 18 10.88 -11.37 21.67
C ARG A 18 10.98 -9.86 21.75
N LEU A 19 10.08 -9.16 21.07
CA LEU A 19 9.92 -7.71 21.22
C LEU A 19 8.54 -7.40 21.79
N LYS A 20 8.49 -6.70 22.93
CA LYS A 20 7.25 -6.23 23.52
C LYS A 20 6.64 -5.09 22.71
N SER A 21 5.31 -5.09 22.61
CA SER A 21 4.56 -4.04 21.95
C SER A 21 4.54 -2.76 22.80
N PRO A 22 4.68 -1.59 22.14
CA PRO A 22 4.60 -0.33 22.88
C PRO A 22 3.22 -0.05 23.46
N VAL A 23 2.19 -0.67 22.89
CA VAL A 23 0.82 -0.49 23.38
C VAL A 23 0.28 -1.74 24.11
N GLY A 24 1.17 -2.68 24.41
CA GLY A 24 0.77 -3.88 25.16
C GLY A 24 0.03 -4.95 24.36
N ALA A 25 0.26 -5.01 23.05
CA ALA A 25 -0.29 -6.13 22.26
C ALA A 25 0.59 -7.35 22.49
N GLU A 26 0.21 -8.49 21.92
CA GLU A 26 1.05 -9.67 22.01
C GLU A 26 2.45 -9.35 21.49
N PRO A 27 3.48 -9.82 22.19
CA PRO A 27 4.85 -9.63 21.75
C PRO A 27 5.10 -10.27 20.38
N ALA A 28 5.97 -9.67 19.57
CA ALA A 28 6.42 -10.26 18.33
C ALA A 28 7.50 -11.31 18.67
N VAL A 29 7.39 -12.51 18.07
CA VAL A 29 8.29 -13.65 18.34
C VAL A 29 9.10 -14.02 17.11
N TYR A 30 10.43 -14.15 17.26
CA TYR A 30 11.31 -14.52 16.15
C TYR A 30 12.18 -15.76 16.48
N PRO A 31 12.20 -16.75 15.56
CA PRO A 31 12.99 -17.96 15.83
C PRO A 31 14.49 -17.75 15.65
N TRP A 32 15.30 -18.55 16.34
CA TRP A 32 16.74 -18.56 16.05
C TRP A 32 17.12 -19.90 15.41
N PRO A 33 17.93 -19.88 14.34
CA PRO A 33 18.46 -18.67 13.69
C PRO A 33 17.38 -17.83 13.02
N LEU A 34 17.65 -16.52 12.92
CA LEU A 34 16.73 -15.57 12.32
C LEU A 34 16.66 -15.76 10.80
N PRO A 35 15.45 -15.80 10.22
CA PRO A 35 15.37 -16.04 8.78
C PRO A 35 15.84 -14.88 7.90
N VAL A 36 16.19 -15.21 6.65
CA VAL A 36 16.52 -14.26 5.60
CA VAL A 36 16.50 -14.23 5.62
C VAL A 36 15.35 -14.15 4.63
N TYR A 37 15.10 -12.94 4.14
CA TYR A 37 13.95 -12.70 3.26
C TYR A 37 14.40 -12.65 1.82
N ASP A 38 15.46 -11.90 1.56
CA ASP A 38 16.06 -11.83 0.24
C ASP A 38 17.50 -11.41 0.39
N LYS A 39 18.11 -11.05 -0.73
CA LYS A 39 19.51 -10.66 -0.79
C LYS A 39 19.78 -9.44 0.12
N HIS A 40 18.78 -8.57 0.28
CA HIS A 40 18.95 -7.33 1.06
C HIS A 40 18.03 -7.18 2.27
N HIS A 41 17.33 -8.25 2.67
CA HIS A 41 16.42 -8.19 3.82
C HIS A 41 16.54 -9.42 4.72
N ASP A 42 16.70 -9.20 6.02
CA ASP A 42 16.62 -10.30 6.99
C ASP A 42 15.85 -9.92 8.26
N ALA A 43 15.55 -10.94 9.07
CA ALA A 43 14.82 -10.76 10.31
C ALA A 43 15.65 -9.99 11.35
N ALA A 44 16.98 -10.17 11.32
CA ALA A 44 17.87 -9.45 12.22
C ALA A 44 17.69 -7.95 12.09
N HIS A 45 17.76 -7.47 10.83
CA HIS A 45 17.63 -6.05 10.49
CA HIS A 45 17.64 -6.05 10.54
C HIS A 45 16.21 -5.55 10.71
N GLU A 46 15.22 -6.39 10.44
CA GLU A 46 13.82 -6.04 10.74
C GLU A 46 13.66 -5.69 12.23
N ILE A 47 14.27 -6.50 13.10
CA ILE A 47 14.23 -6.33 14.55
C ILE A 47 14.82 -4.97 14.93
N ILE A 48 16.01 -4.69 14.41
CA ILE A 48 16.72 -3.46 14.75
C ILE A 48 15.95 -2.22 14.27
N GLU A 49 15.41 -2.31 13.06
CA GLU A 49 14.55 -1.23 12.53
C GLU A 49 13.23 -1.08 13.25
N THR A 50 12.68 -2.20 13.72
CA THR A 50 11.46 -2.15 14.50
C THR A 50 11.73 -1.37 15.81
N ILE A 51 12.80 -1.71 16.51
CA ILE A 51 13.18 -0.95 17.71
C ILE A 51 13.38 0.54 17.39
N ARG A 52 14.07 0.84 16.30
CA ARG A 52 14.29 2.23 15.88
C ARG A 52 13.00 3.00 15.67
N TRP A 53 12.02 2.39 15.00
CA TRP A 53 10.75 3.04 14.74
C TRP A 53 9.91 3.22 16.00
N VAL A 54 9.96 2.25 16.89
CA VAL A 54 9.27 2.42 18.17
C VAL A 54 9.84 3.61 18.92
N CYS A 55 11.16 3.73 18.94
CA CYS A 55 11.85 4.87 19.55
C CYS A 55 11.41 6.18 18.92
N GLU A 56 11.06 6.15 17.63
CA GLU A 56 10.50 7.32 16.98
C GLU A 56 9.13 7.66 17.54
N GLU A 57 8.28 6.63 17.72
CA GLU A 57 6.93 6.80 18.27
C GLU A 57 6.89 7.36 19.68
N ILE A 58 7.87 7.00 20.49
CA ILE A 58 7.88 7.37 21.90
C ILE A 58 9.23 7.98 22.25
N PRO A 59 9.29 9.32 22.36
CA PRO A 59 10.52 10.04 22.71
C PRO A 59 11.20 9.52 24.00
N ASP A 60 10.40 9.24 25.03
CA ASP A 60 10.91 8.66 26.28
C ASP A 60 11.73 7.39 26.02
N LEU A 61 11.20 6.52 25.17
CA LEU A 61 11.89 5.29 24.81
C LEU A 61 13.21 5.58 24.10
N LYS A 62 13.19 6.56 23.20
CA LYS A 62 14.40 6.96 22.48
C LYS A 62 15.45 7.42 23.49
N LEU A 63 15.02 8.22 24.46
CA LEU A 63 15.88 8.63 25.58
C LEU A 63 16.55 7.44 26.21
N ALA A 64 15.74 6.53 26.75
CA ALA A 64 16.27 5.34 27.38
C ALA A 64 17.21 4.57 26.45
N MET A 65 16.88 4.50 25.16
CA MET A 65 17.72 3.78 24.20
C MET A 65 18.96 4.60 23.84
N GLU A 66 18.85 5.93 23.96
CA GLU A 66 19.99 6.86 23.81
C GLU A 66 20.99 6.42 24.86
N ASN A 67 20.54 6.43 26.12
CA ASN A 67 21.32 5.97 27.27
C ASN A 67 21.56 4.46 27.25
N TYR A 68 22.83 4.08 27.34
CA TYR A 68 23.30 2.68 27.32
C TYR A 68 22.43 1.69 26.51
N LEU A 70 22.99 2.30 23.23
CA LEU A 70 23.75 2.01 22.02
C LEU A 70 24.81 0.94 22.28
N ILE A 71 24.99 0.04 21.32
CA ILE A 71 25.95 -1.07 21.42
C ILE A 71 26.22 -1.73 20.05
N ASP A 72 27.41 -2.31 19.92
CA ASP A 72 27.79 -3.04 18.70
C ASP A 72 26.94 -4.30 18.57
N TYR A 73 25.85 -4.19 17.83
CA TYR A 73 24.98 -5.34 17.59
C TYR A 73 25.66 -6.28 16.59
N ASP A 74 25.86 -7.52 17.01
CA ASP A 74 26.29 -8.56 16.10
C ASP A 74 25.07 -9.36 15.67
N THR A 75 24.56 -9.03 14.47
CA THR A 75 23.35 -9.67 13.92
C THR A 75 23.61 -11.15 13.68
N LYS A 76 24.87 -11.55 13.89
CA LYS A 76 25.31 -12.92 13.75
C LYS A 76 25.09 -13.66 15.07
N SER A 77 25.26 -12.93 16.18
CA SER A 77 25.28 -13.54 17.52
C SER A 77 23.94 -13.49 18.25
N PHE A 78 23.48 -14.66 18.70
CA PHE A 78 22.24 -14.77 19.46
C PHE A 78 22.30 -13.98 20.75
N GLU A 79 23.35 -14.23 21.55
CA GLU A 79 23.59 -13.50 22.80
C GLU A 79 23.45 -12.01 22.55
N SER A 80 24.10 -11.53 21.50
CA SER A 80 24.13 -10.11 21.14
C SER A 80 22.72 -9.61 20.79
N MET A 81 21.95 -10.43 20.06
CA MET A 81 20.61 -10.04 19.64
C MET A 81 19.61 -10.11 20.81
N GLN A 82 19.72 -11.17 21.62
CA GLN A 82 18.97 -11.29 22.87
C GLN A 82 19.25 -10.11 23.81
N ARG A 83 20.51 -9.73 23.89
CA ARG A 83 20.94 -8.57 24.68
C ARG A 83 20.24 -7.29 24.24
N LEU A 84 20.24 -6.99 22.93
CA LEU A 84 19.60 -5.78 22.40
C LEU A 84 18.08 -5.78 22.60
N CYS A 85 17.46 -6.94 22.43
CA CYS A 85 16.02 -7.13 22.61
C CYS A 85 15.63 -6.87 24.06
N ASP A 86 16.49 -7.32 24.98
CA ASP A 86 16.33 -7.12 26.42
C ASP A 86 16.36 -5.65 26.78
N LYS A 87 17.33 -4.92 26.24
CA LYS A 87 17.44 -3.49 26.49
C LYS A 87 16.18 -2.73 26.09
N TYR A 88 15.62 -3.12 24.94
CA TYR A 88 14.36 -2.56 24.44
C TYR A 88 13.17 -2.95 25.32
N ASN A 89 13.06 -4.24 25.62
CA ASN A 89 11.97 -4.74 26.45
C ASN A 89 11.95 -4.16 27.87
N ARG A 90 13.12 -3.98 28.47
CA ARG A 90 13.26 -3.30 29.77
C ARG A 90 12.85 -1.84 29.69
N ALA A 91 13.30 -1.16 28.63
CA ALA A 91 12.88 0.21 28.40
C ALA A 91 11.37 0.35 28.18
N ILE A 92 10.78 -0.56 27.42
CA ILE A 92 9.31 -0.62 27.30
C ILE A 92 8.59 -0.82 28.67
N ASP A 93 9.18 -1.62 29.55
CA ASP A 93 8.57 -1.85 30.87
C ASP A 93 8.54 -0.53 31.63
N SER A 94 9.69 0.13 31.71
CA SER A 94 9.76 1.41 32.40
C SER A 94 8.83 2.46 31.81
N ILE A 95 8.69 2.52 30.49
CA ILE A 95 7.75 3.46 29.86
C ILE A 95 6.32 3.19 30.28
N HIS A 96 5.94 1.91 30.35
CA HIS A 96 4.59 1.55 30.78
C HIS A 96 4.31 1.93 32.26
N GLN A 97 5.36 1.90 33.08
CA GLN A 97 5.27 2.36 34.47
C GLN A 97 5.11 3.88 34.52
N LEU A 98 5.91 4.56 33.70
CA LEU A 98 5.83 6.01 33.51
C LEU A 98 4.39 6.45 33.20
N TRP A 99 3.76 5.72 32.29
CA TRP A 99 2.36 5.99 31.93
C TRP A 99 1.37 5.70 33.07
N LYS A 100 1.77 4.91 34.07
CA LYS A 100 0.94 4.73 35.27
C LYS A 100 0.97 5.95 36.19
N GLY A 101 2.07 6.69 36.17
CA GLY A 101 2.18 7.94 36.89
C GLY A 101 1.46 9.08 36.19
N THR A 102 2.12 10.21 36.09
CA THR A 102 1.51 11.42 35.54
C THR A 102 1.70 11.56 34.03
N THR A 103 2.81 11.03 33.52
CA THR A 103 3.18 11.05 32.10
C THR A 103 2.04 10.63 31.16
N GLN A 104 1.82 11.43 30.13
CA GLN A 104 0.83 11.10 29.09
C GLN A 104 1.29 9.86 28.32
N PRO A 105 0.40 8.86 28.18
CA PRO A 105 0.72 7.70 27.35
C PRO A 105 0.69 8.07 25.87
N MET A 106 1.21 7.17 25.03
CA MET A 106 1.18 7.36 23.58
C MET A 106 -0.25 7.56 23.12
N LYS A 107 -0.46 8.59 22.31
CA LYS A 107 -1.75 8.85 21.70
C LYS A 107 -2.14 7.63 20.89
N LEU A 108 -3.36 7.15 21.11
CA LEU A 108 -3.82 5.96 20.43
C LEU A 108 -4.54 6.29 19.13
N ASN A 109 -4.75 5.26 18.31
CA ASN A 109 -5.38 5.36 17.00
C ASN A 109 -5.08 6.61 16.14
N THR A 110 -3.80 6.99 16.08
CA THR A 110 -3.35 7.87 15.02
C THR A 110 -2.82 7.02 13.86
N ARG A 111 -2.85 7.61 12.67
CA ARG A 111 -2.28 7.01 11.48
C ARG A 111 -0.76 7.06 11.56
N PRO A 112 -0.09 6.06 10.98
CA PRO A 112 1.36 6.01 11.08
C PRO A 112 1.99 7.10 10.22
N SER A 113 3.16 7.56 10.61
CA SER A 113 3.92 8.46 9.77
C SER A 113 4.30 7.71 8.49
N THR A 114 4.65 8.46 7.44
CA THR A 114 5.07 7.86 6.18
C THR A 114 6.24 6.91 6.36
N GLY A 115 7.26 7.36 7.08
CA GLY A 115 8.41 6.53 7.38
C GLY A 115 8.08 5.27 8.19
N LEU A 116 7.19 5.38 9.17
CA LEU A 116 6.74 4.20 9.88
C LEU A 116 5.96 3.27 8.96
N LEU A 117 5.05 3.83 8.17
CA LEU A 117 4.26 3.03 7.24
C LEU A 117 5.14 2.21 6.28
N ARG A 118 6.20 2.83 5.74
CA ARG A 118 7.11 2.12 4.84
CA ARG A 118 7.13 2.15 4.85
C ARG A 118 7.66 0.87 5.52
N HIS A 119 8.08 1.04 6.77
CA HIS A 119 8.69 -0.04 7.52
C HIS A 119 7.66 -1.13 7.79
N ILE A 120 6.45 -0.74 8.20
CA ILE A 120 5.38 -1.68 8.50
C ILE A 120 5.06 -2.53 7.28
N LEU A 121 4.87 -1.87 6.13
CA LEU A 121 4.58 -2.60 4.89
C LEU A 121 5.70 -3.53 4.45
N GLN A 122 6.95 -3.14 4.66
CA GLN A 122 8.05 -4.05 4.33
C GLN A 122 8.01 -5.28 5.25
N GLN A 123 7.74 -5.03 6.52
CA GLN A 123 7.66 -6.06 7.55
C GLN A 123 6.55 -7.03 7.22
N VAL A 124 5.38 -6.49 6.87
CA VAL A 124 4.25 -7.30 6.47
C VAL A 124 4.54 -8.11 5.20
N TYR A 125 5.13 -7.46 4.21
CA TYR A 125 5.48 -8.16 2.99
C TYR A 125 6.45 -9.34 3.28
N ASN A 126 7.57 -9.06 3.94
CA ASN A 126 8.54 -10.10 4.27
C ASN A 126 7.98 -11.25 5.09
N HIS A 127 7.04 -10.97 5.98
CA HIS A 127 6.37 -12.03 6.73
C HIS A 127 5.31 -12.77 5.92
N SER A 128 4.77 -12.17 4.86
CA SER A 128 3.63 -12.80 4.17
C SER A 128 4.01 -13.46 2.85
N VAL A 129 4.94 -12.82 2.13
CA VAL A 129 5.32 -13.29 0.81
C VAL A 129 6.51 -14.24 1.00
N THR A 130 6.20 -15.49 1.35
CA THR A 130 7.24 -16.43 1.79
C THR A 130 8.22 -16.82 0.70
N ASP A 131 7.69 -17.07 -0.50
CA ASP A 131 8.55 -17.27 -1.67
C ASP A 131 8.21 -16.28 -2.80
N PRO A 132 8.89 -15.11 -2.81
CA PRO A 132 8.71 -14.01 -3.77
C PRO A 132 8.80 -14.49 -5.23
N GLU A 133 9.73 -15.41 -5.50
CA GLU A 133 9.91 -15.96 -6.84
C GLU A 133 8.61 -16.49 -7.45
N LYS A 134 7.72 -17.00 -6.61
CA LYS A 134 6.45 -17.57 -7.07
C LYS A 134 5.50 -16.58 -7.77
N LEU A 135 5.71 -15.28 -7.51
CA LEU A 135 4.92 -14.22 -8.14
C LEU A 135 5.34 -13.99 -9.60
N ASN A 136 6.49 -14.54 -9.97
CA ASN A 136 6.96 -14.48 -11.36
C ASN A 136 6.44 -15.66 -12.19
N ASN A 137 5.66 -16.54 -11.56
CA ASN A 137 5.08 -17.69 -12.27
C ASN A 137 3.76 -17.28 -12.93
N TYR A 138 3.84 -16.35 -13.87
CA TYR A 138 2.66 -15.95 -14.58
C TYR A 138 2.83 -16.30 -16.07
N GLU A 139 1.73 -16.31 -16.80
CA GLU A 139 1.81 -16.43 -18.25
C GLU A 139 2.37 -15.12 -18.82
N PRO A 140 3.56 -15.19 -19.44
CA PRO A 140 4.14 -13.99 -20.03
C PRO A 140 3.29 -13.55 -21.20
N PHE A 141 3.38 -12.26 -21.53
CA PHE A 141 2.63 -11.69 -22.66
C PHE A 141 1.12 -11.84 -22.50
N SER A 142 0.66 -11.66 -21.26
CA SER A 142 -0.75 -11.76 -20.90
C SER A 142 -1.07 -10.72 -19.82
N PRO A 143 -2.37 -10.47 -19.55
CA PRO A 143 -2.79 -9.58 -18.45
C PRO A 143 -2.34 -10.03 -17.06
N GLU A 144 -1.89 -11.27 -16.96
CA GLU A 144 -1.43 -11.81 -15.69
C GLU A 144 -0.06 -11.27 -15.25
N VAL A 145 0.65 -10.60 -16.15
CA VAL A 145 1.99 -10.09 -15.82
C VAL A 145 1.98 -9.32 -14.49
N TYR A 146 2.81 -9.79 -13.54
CA TYR A 146 2.94 -9.20 -12.21
C TYR A 146 4.03 -8.14 -12.18
N GLY A 147 3.76 -7.03 -11.52
CA GLY A 147 4.76 -6.00 -11.17
C GLY A 147 4.16 -5.19 -10.04
N GLU A 148 5.02 -4.58 -9.20
CA GLU A 148 4.52 -3.81 -8.05
C GLU A 148 4.86 -2.35 -8.23
N THR A 149 3.86 -1.52 -8.00
CA THR A 149 4.01 -0.09 -7.92
C THR A 149 4.78 0.15 -6.63
N SER A 150 5.80 0.99 -6.68
CA SER A 150 6.63 1.30 -5.50
C SER A 150 5.85 2.12 -4.46
N PHE A 151 6.27 1.99 -3.20
CA PHE A 151 5.74 2.82 -2.12
C PHE A 151 5.77 4.30 -2.47
N ASP A 152 6.90 4.76 -3.02
CA ASP A 152 7.06 6.17 -3.40
C ASP A 152 6.00 6.68 -4.39
N LEU A 153 5.69 5.89 -5.42
CA LEU A 153 4.62 6.30 -6.35
C LEU A 153 3.23 6.32 -5.70
N VAL A 154 2.87 5.27 -4.98
CA VAL A 154 1.64 5.25 -4.19
C VAL A 154 1.55 6.51 -3.30
N ALA A 155 2.65 6.82 -2.59
CA ALA A 155 2.63 8.00 -1.69
C ALA A 155 2.38 9.29 -2.49
N GLN A 156 3.00 9.39 -3.67
CA GLN A 156 2.71 10.51 -4.56
C GLN A 156 1.23 10.58 -4.94
N MET A 157 0.64 9.43 -5.24
CA MET A 157 -0.76 9.42 -5.60
C MET A 157 -1.64 9.90 -4.44
N ILE A 158 -1.34 9.42 -3.24
CA ILE A 158 -2.03 9.87 -2.04
C ILE A 158 -1.85 11.40 -1.84
N ASP A 159 -0.60 11.87 -1.87
CA ASP A 159 -0.29 13.30 -1.71
C ASP A 159 -1.08 14.23 -2.64
N GLU A 160 -1.25 13.80 -3.88
CA GLU A 160 -1.80 14.66 -4.95
C GLU A 160 -3.30 14.51 -5.21
N ILE A 161 -3.79 13.27 -5.30
CA ILE A 161 -5.24 13.06 -5.38
C ILE A 161 -5.72 13.04 -3.94
N LYS A 162 -6.43 14.09 -3.52
CA LYS A 162 -6.76 14.17 -2.12
C LYS A 162 -8.12 13.54 -1.88
N MET A 163 -8.09 12.45 -1.12
CA MET A 163 -9.28 11.70 -0.80
C MET A 163 -9.85 12.20 0.51
N THR A 164 -11.16 12.15 0.63
CA THR A 164 -11.83 12.48 1.88
C THR A 164 -12.64 11.28 2.30
N ASP A 165 -13.35 11.43 3.42
CA ASP A 165 -14.17 10.35 3.97
C ASP A 165 -15.36 10.00 3.10
N ASP A 166 -15.58 10.77 2.03
CA ASP A 166 -16.62 10.44 1.06
C ASP A 166 -16.11 9.42 0.02
N ASP A 167 -14.80 9.35 -0.16
CA ASP A 167 -14.20 8.60 -1.26
C ASP A 167 -14.12 7.09 -1.05
N LEU A 168 -14.24 6.37 -2.17
CA LEU A 168 -14.14 4.93 -2.21
C LEU A 168 -13.02 4.60 -3.19
N PHE A 169 -12.08 3.80 -2.72
CA PHE A 169 -10.86 3.52 -3.46
C PHE A 169 -10.80 2.05 -3.81
N VAL A 170 -10.35 1.77 -5.04
CA VAL A 170 -10.24 0.41 -5.54
C VAL A 170 -8.95 0.24 -6.38
N ASP A 171 -8.16 -0.77 -6.03
CA ASP A 171 -7.04 -1.21 -6.84
C ASP A 171 -7.55 -2.39 -7.65
N LEU A 172 -7.72 -2.15 -8.94
CA LEU A 172 -8.10 -3.19 -9.90
C LEU A 172 -6.88 -3.99 -10.31
N GLY A 173 -6.87 -5.27 -9.95
CA GLY A 173 -5.68 -6.10 -10.06
C GLY A 173 -4.67 -5.80 -8.96
N SER A 174 -5.07 -6.08 -7.73
CA SER A 174 -4.37 -5.59 -6.55
C SER A 174 -3.11 -6.36 -6.11
N GLY A 175 -2.83 -7.49 -6.77
CA GLY A 175 -1.65 -8.30 -6.50
C GLY A 175 -1.69 -8.90 -5.11
N VAL A 176 -0.66 -8.63 -4.32
CA VAL A 176 -0.64 -9.07 -2.92
C VAL A 176 -1.26 -8.03 -1.99
N GLY A 177 -1.71 -6.91 -2.57
CA GLY A 177 -2.58 -6.00 -1.82
C GLY A 177 -1.89 -4.83 -1.15
N GLN A 178 -0.62 -4.61 -1.45
CA GLN A 178 0.16 -3.61 -0.72
C GLN A 178 -0.17 -2.16 -1.08
N VAL A 179 -0.75 -1.94 -2.26
CA VAL A 179 -1.28 -0.62 -2.60
C VAL A 179 -2.46 -0.24 -1.71
N VAL A 180 -3.43 -1.16 -1.61
CA VAL A 180 -4.61 -0.99 -0.77
C VAL A 180 -4.27 -0.78 0.73
N LEU A 181 -3.27 -1.50 1.24
CA LEU A 181 -2.90 -1.36 2.66
C LEU A 181 -2.31 0.01 2.89
N GLN A 182 -1.47 0.45 1.95
CA GLN A 182 -0.84 1.75 2.10
C GLN A 182 -1.89 2.87 2.10
N VAL A 183 -2.82 2.82 1.14
CA VAL A 183 -3.92 3.77 1.08
C VAL A 183 -4.85 3.73 2.32
N ALA A 184 -5.17 2.52 2.81
CA ALA A 184 -5.99 2.41 4.00
C ALA A 184 -5.35 3.04 5.26
N ALA A 185 -4.03 3.06 5.31
CA ALA A 185 -3.27 3.59 6.45
C ALA A 185 -2.99 5.09 6.33
N ALA A 186 -3.16 5.65 5.14
CA ALA A 186 -2.80 7.03 4.90
C ALA A 186 -3.99 7.94 4.65
N THR A 187 -5.15 7.38 4.35
CA THR A 187 -6.33 8.18 4.03
C THR A 187 -7.54 7.78 4.87
N ASN A 188 -8.57 8.61 4.84
CA ASN A 188 -9.78 8.31 5.57
C ASN A 188 -11.00 8.02 4.69
N CYS A 189 -10.79 7.25 3.61
CA CYS A 189 -11.88 6.72 2.81
C CYS A 189 -12.80 5.84 3.66
N LYS A 190 -14.04 5.65 3.19
CA LYS A 190 -15.02 4.80 3.89
C LYS A 190 -14.59 3.35 3.82
N HIS A 191 -14.08 2.96 2.66
CA HIS A 191 -13.65 1.60 2.43
C HIS A 191 -12.70 1.57 1.24
N HIS A 192 -11.74 0.66 1.32
CA HIS A 192 -10.80 0.45 0.24
C HIS A 192 -11.00 -1.00 -0.17
N TYR A 193 -10.87 -1.28 -1.48
CA TYR A 193 -10.92 -2.66 -1.98
C TYR A 193 -9.78 -2.96 -2.94
N GLY A 194 -9.34 -4.22 -2.91
CA GLY A 194 -8.48 -4.73 -3.92
C GLY A 194 -9.09 -5.99 -4.48
N VAL A 195 -8.99 -6.16 -5.79
CA VAL A 195 -9.49 -7.35 -6.42
C VAL A 195 -8.40 -7.90 -7.30
N GLU A 196 -8.09 -9.18 -7.06
CA GLU A 196 -7.03 -9.88 -7.75
C GLU A 196 -7.57 -11.20 -8.24
N LYS A 197 -7.29 -11.50 -9.50
CA LYS A 197 -7.73 -12.74 -10.14
C LYS A 197 -6.77 -13.93 -9.94
N ALA A 198 -5.46 -13.70 -10.00
CA ALA A 198 -4.50 -14.81 -10.06
C ALA A 198 -4.28 -15.43 -8.68
N ASP A 199 -4.23 -16.76 -8.68
CA ASP A 199 -4.26 -17.56 -7.46
C ASP A 199 -3.10 -17.27 -6.53
N ILE A 200 -1.89 -17.24 -7.08
CA ILE A 200 -0.71 -16.99 -6.28
C ILE A 200 -0.72 -15.64 -5.50
N PRO A 201 -0.89 -14.50 -6.20
CA PRO A 201 -0.94 -13.25 -5.40
C PRO A 201 -2.16 -13.14 -4.48
N ALA A 202 -3.32 -13.61 -4.95
CA ALA A 202 -4.51 -13.60 -4.11
C ALA A 202 -4.32 -14.40 -2.82
N LYS A 203 -3.64 -15.55 -2.92
CA LYS A 203 -3.30 -16.35 -1.75
C LYS A 203 -2.42 -15.56 -0.76
N TYR A 204 -1.34 -14.97 -1.24
CA TYR A 204 -0.45 -14.16 -0.40
C TYR A 204 -1.15 -12.96 0.23
N ALA A 205 -2.08 -12.37 -0.51
CA ALA A 205 -2.83 -11.22 -0.03
C ALA A 205 -3.64 -11.53 1.23
N GLU A 206 -4.01 -12.81 1.40
CA GLU A 206 -4.78 -13.25 2.57
C GLU A 206 -3.95 -13.14 3.82
N THR A 207 -2.70 -13.59 3.71
CA THR A 207 -1.69 -13.45 4.76
C THR A 207 -1.29 -11.99 4.94
N MET A 208 -1.11 -11.25 3.83
CA MET A 208 -0.79 -9.81 3.92
C MET A 208 -1.85 -9.11 4.77
N ASP A 209 -3.11 -9.44 4.52
CA ASP A 209 -4.21 -8.83 5.24
C ASP A 209 -4.06 -9.05 6.76
N ARG A 210 -3.85 -10.31 7.14
CA ARG A 210 -3.69 -10.70 8.54
C ARG A 210 -2.47 -10.08 9.21
N GLU A 211 -1.33 -10.13 8.52
CA GLU A 211 -0.08 -9.57 9.07
C GLU A 211 -0.16 -8.07 9.26
N PHE A 212 -0.81 -7.38 8.30
CA PHE A 212 -1.01 -5.94 8.42
C PHE A 212 -1.89 -5.58 9.61
N ARG A 213 -3.05 -6.22 9.74
CA ARG A 213 -3.93 -5.94 10.89
C ARG A 213 -3.17 -6.23 12.22
N LYS A 214 -2.39 -7.31 12.25
CA LYS A 214 -1.60 -7.63 13.46
C LYS A 214 -0.50 -6.61 13.77
N TRP A 215 0.33 -6.27 12.79
CA TRP A 215 1.42 -5.31 13.03
C TRP A 215 0.89 -3.92 13.36
N MET A 216 -0.19 -3.49 12.68
CA MET A 216 -0.76 -2.18 12.97
C MET A 216 -1.26 -2.11 14.42
N LYS A 217 -1.81 -3.21 14.93
CA LYS A 217 -2.22 -3.30 16.33
C LYS A 217 -1.00 -3.31 17.23
N TRP A 218 0.05 -4.02 16.83
CA TRP A 218 1.31 -4.04 17.58
C TRP A 218 1.92 -2.64 17.79
N TYR A 219 1.90 -1.83 16.73
CA TYR A 219 2.47 -0.48 16.79
C TYR A 219 1.48 0.52 17.41
N GLY A 220 0.22 0.11 17.53
CA GLY A 220 -0.87 0.92 18.04
C GLY A 220 -1.28 2.01 17.08
N LYS A 221 -1.34 1.67 15.79
CA LYS A 221 -1.66 2.66 14.75
C LYS A 221 -2.97 2.33 14.08
N LYS A 222 -3.66 3.35 13.55
CA LYS A 222 -4.97 3.15 12.92
C LYS A 222 -4.90 3.03 11.39
N HIS A 223 -5.85 2.30 10.82
CA HIS A 223 -6.09 2.28 9.37
C HIS A 223 -7.60 2.29 9.10
N ALA A 224 -8.00 2.72 7.91
CA ALA A 224 -9.39 2.61 7.45
C ALA A 224 -9.76 1.17 7.11
N GLU A 225 -11.07 0.92 6.97
CA GLU A 225 -11.59 -0.37 6.56
C GLU A 225 -11.11 -0.68 5.14
N TYR A 226 -10.80 -1.95 4.89
CA TYR A 226 -10.40 -2.38 3.56
C TYR A 226 -10.71 -3.85 3.38
N THR A 227 -10.86 -4.29 2.14
CA THR A 227 -11.03 -5.70 1.88
C THR A 227 -10.19 -6.09 0.67
N LEU A 228 -9.44 -7.17 0.81
CA LEU A 228 -8.73 -7.75 -0.29
C LEU A 228 -9.46 -9.01 -0.75
N GLU A 229 -9.99 -8.95 -1.98
CA GLU A 229 -10.83 -10.01 -2.55
C GLU A 229 -10.16 -10.72 -3.71
N ARG A 230 -10.44 -12.01 -3.84
CA ARG A 230 -10.16 -12.73 -5.07
C ARG A 230 -11.31 -12.45 -6.06
N GLY A 231 -11.00 -12.24 -7.33
CA GLY A 231 -12.05 -12.03 -8.35
C GLY A 231 -11.61 -11.49 -9.70
N ASP A 232 -12.56 -11.36 -10.62
CA ASP A 232 -12.33 -10.81 -11.97
C ASP A 232 -12.96 -9.42 -12.09
N PHE A 233 -12.13 -8.37 -12.22
CA PHE A 233 -12.73 -7.03 -12.26
C PHE A 233 -13.53 -6.73 -13.54
N LEU A 234 -13.58 -7.70 -14.44
CA LEU A 234 -14.38 -7.55 -15.65
C LEU A 234 -15.78 -8.18 -15.52
N SER A 235 -16.01 -8.91 -14.43
CA SER A 235 -17.30 -9.58 -14.15
C SER A 235 -18.50 -8.62 -14.11
N GLU A 236 -19.70 -9.21 -14.17
CA GLU A 236 -20.94 -8.45 -14.08
C GLU A 236 -21.04 -7.70 -12.75
N GLU A 237 -20.79 -8.39 -11.66
CA GLU A 237 -20.77 -7.77 -10.33
C GLU A 237 -19.90 -6.50 -10.33
N TRP A 238 -18.71 -6.59 -10.93
CA TRP A 238 -17.74 -5.50 -10.86
C TRP A 238 -18.09 -4.24 -11.66
N ARG A 239 -18.99 -4.39 -12.65
CA ARG A 239 -19.44 -3.26 -13.47
C ARG A 239 -20.02 -2.15 -12.64
N GLU A 240 -20.97 -2.50 -11.77
CA GLU A 240 -21.61 -1.53 -10.88
C GLU A 240 -20.65 -1.05 -9.79
N ARG A 241 -19.75 -1.92 -9.34
CA ARG A 241 -18.80 -1.50 -8.29
C ARG A 241 -17.89 -0.40 -8.84
N ILE A 242 -17.37 -0.61 -10.05
CA ILE A 242 -16.52 0.36 -10.73
C ILE A 242 -17.26 1.69 -10.95
N ALA A 243 -18.52 1.60 -11.38
CA ALA A 243 -19.38 2.78 -11.56
C ALA A 243 -19.49 3.66 -10.31
N ASN A 244 -19.51 3.03 -9.13
CA ASN A 244 -19.71 3.73 -7.86
C ASN A 244 -18.40 4.05 -7.09
N THR A 245 -17.26 3.72 -7.69
CA THR A 245 -15.97 4.01 -7.09
C THR A 245 -15.54 5.40 -7.47
N SER A 246 -15.05 6.17 -6.50
CA SER A 246 -14.62 7.53 -6.83
C SER A 246 -13.14 7.61 -7.18
N VAL A 247 -12.35 6.62 -6.76
CA VAL A 247 -10.94 6.60 -7.12
C VAL A 247 -10.50 5.19 -7.48
N ILE A 248 -10.09 5.03 -8.73
CA ILE A 248 -9.64 3.77 -9.27
C ILE A 248 -8.11 3.86 -9.39
N PHE A 249 -7.40 2.86 -8.87
CA PHE A 249 -6.00 2.68 -9.20
C PHE A 249 -5.90 1.41 -10.01
N VAL A 250 -5.20 1.45 -11.13
CA VAL A 250 -5.05 0.27 -12.01
C VAL A 250 -3.68 0.24 -12.74
N ASN A 251 -2.90 -0.79 -12.47
CA ASN A 251 -1.55 -0.87 -13.03
C ASN A 251 -1.70 -1.66 -14.32
N ASN A 252 -2.14 -1.00 -15.39
CA ASN A 252 -2.61 -1.71 -16.58
C ASN A 252 -1.56 -1.86 -17.66
N PHE A 253 -0.32 -1.45 -17.38
CA PHE A 253 0.72 -1.41 -18.40
C PHE A 253 0.76 -2.63 -19.31
N ALA A 254 0.59 -3.81 -18.73
CA ALA A 254 0.66 -5.06 -19.52
C ALA A 254 -0.72 -5.69 -19.78
N PHE A 255 -1.81 -4.97 -19.51
CA PHE A 255 -3.15 -5.55 -19.75
C PHE A 255 -3.45 -5.81 -21.24
N GLY A 256 -3.01 -4.91 -22.11
CA GLY A 256 -3.32 -5.00 -23.56
C GLY A 256 -4.54 -4.19 -23.97
N PRO A 257 -4.74 -4.01 -25.31
CA PRO A 257 -5.85 -3.20 -25.81
C PRO A 257 -7.23 -3.76 -25.51
N GLU A 258 -7.37 -5.08 -25.47
CA GLU A 258 -8.65 -5.74 -25.21
C GLU A 258 -9.17 -5.49 -23.80
N VAL A 259 -8.30 -5.68 -22.81
CA VAL A 259 -8.68 -5.43 -21.42
C VAL A 259 -8.91 -3.93 -21.22
N ASP A 260 -8.00 -3.08 -21.70
CA ASP A 260 -8.18 -1.64 -21.55
C ASP A 260 -9.52 -1.19 -22.16
N HIS A 261 -9.84 -1.69 -23.36
CA HIS A 261 -11.09 -1.34 -24.02
C HIS A 261 -12.26 -1.68 -23.11
N GLN A 262 -12.25 -2.89 -22.53
CA GLN A 262 -13.34 -3.28 -21.62
C GLN A 262 -13.39 -2.38 -20.38
N LEU A 263 -12.23 -1.97 -19.87
CA LEU A 263 -12.22 -1.04 -18.73
C LEU A 263 -12.81 0.34 -19.09
N LYS A 264 -12.46 0.88 -20.26
CA LYS A 264 -13.02 2.14 -20.78
C LYS A 264 -14.54 2.13 -20.66
N GLU A 265 -15.13 1.00 -21.05
CA GLU A 265 -16.57 0.80 -21.05
C GLU A 265 -17.12 0.90 -19.65
N ARG A 266 -16.37 0.35 -18.68
CA ARG A 266 -16.81 0.42 -17.30
C ARG A 266 -16.57 1.78 -16.69
N PHE A 267 -15.51 2.47 -17.11
CA PHE A 267 -15.27 3.84 -16.65
C PHE A 267 -16.35 4.83 -17.12
N ALA A 268 -16.91 4.57 -18.30
CA ALA A 268 -17.88 5.46 -18.91
C ALA A 268 -19.15 5.59 -18.08
N ASN A 269 -19.26 4.79 -17.02
CA ASN A 269 -20.39 4.81 -16.09
C ASN A 269 -20.09 5.46 -14.74
N MET A 270 -18.87 5.98 -14.61
CA MET A 270 -18.40 6.61 -13.39
C MET A 270 -18.96 8.01 -13.26
N LYS A 271 -19.07 8.45 -12.00
CA LYS A 271 -19.59 9.75 -11.63
C LYS A 271 -18.65 10.87 -11.98
N GLU A 272 -19.22 12.05 -12.18
CA GLU A 272 -18.48 13.29 -12.33
C GLU A 272 -17.42 13.45 -11.25
N GLY A 273 -16.22 13.84 -11.63
CA GLY A 273 -15.14 14.05 -10.67
C GLY A 273 -14.45 12.77 -10.20
N GLY A 274 -14.92 11.61 -10.66
CA GLY A 274 -14.25 10.35 -10.39
C GLY A 274 -12.84 10.39 -10.95
N ARG A 275 -11.94 9.63 -10.34
CA ARG A 275 -10.54 9.65 -10.79
C ARG A 275 -10.02 8.26 -11.03
N ILE A 276 -9.14 8.15 -12.03
CA ILE A 276 -8.47 6.91 -12.37
C ILE A 276 -6.96 7.20 -12.47
N VAL A 277 -6.17 6.46 -11.68
CA VAL A 277 -4.70 6.52 -11.77
C VAL A 277 -4.22 5.25 -12.44
N SER A 278 -3.47 5.37 -13.53
CA SER A 278 -3.01 4.16 -14.24
C SER A 278 -1.59 4.30 -14.79
N SER A 279 -0.99 3.18 -15.21
CA SER A 279 0.37 3.21 -15.79
C SER A 279 0.40 3.29 -17.32
N LYS A 280 -0.79 3.35 -17.93
CA LYS A 280 -0.96 3.57 -19.38
C LYS A 280 -2.27 4.34 -19.55
N PRO A 281 -2.22 5.50 -20.24
CA PRO A 281 -3.40 6.35 -20.34
C PRO A 281 -4.56 5.63 -21.02
N PHE A 282 -5.78 5.93 -20.61
CA PHE A 282 -6.97 5.37 -21.25
C PHE A 282 -7.49 6.28 -22.38
N ALA A 283 -6.95 7.50 -22.45
CA ALA A 283 -7.25 8.45 -23.52
C ALA A 283 -5.97 9.22 -23.84
N PRO A 284 -5.74 9.58 -25.12
CA PRO A 284 -4.49 10.27 -25.43
C PRO A 284 -4.43 11.63 -24.72
N LEU A 285 -3.23 12.02 -24.29
CA LEU A 285 -3.04 13.25 -23.54
C LEU A 285 -3.50 14.49 -24.31
N ASN A 286 -3.33 14.43 -25.63
CA ASN A 286 -3.70 15.52 -26.53
C ASN A 286 -5.07 15.33 -27.21
N PHE A 287 -6.03 14.75 -26.50
CA PHE A 287 -7.35 14.51 -27.07
C PHE A 287 -8.08 15.80 -27.42
N ARG A 288 -8.68 15.82 -28.62
CA ARG A 288 -9.53 16.92 -29.09
C ARG A 288 -10.82 16.35 -29.70
N ILE A 289 -11.98 16.75 -29.17
CA ILE A 289 -13.25 16.22 -29.69
C ILE A 289 -13.50 16.70 -31.12
N ASN A 290 -13.83 15.76 -31.99
CA ASN A 290 -14.36 16.06 -33.33
C ASN A 290 -15.50 15.10 -33.65
N SER A 291 -15.98 15.12 -34.89
CA SER A 291 -17.19 14.38 -35.27
C SER A 291 -16.96 12.89 -35.53
N ARG A 292 -15.70 12.46 -35.51
CA ARG A 292 -15.38 11.02 -35.65
C ARG A 292 -15.09 10.34 -34.32
N ASN A 293 -14.62 11.10 -33.33
CA ASN A 293 -14.24 10.52 -32.03
C ASN A 293 -15.28 10.74 -30.93
N LEU A 294 -16.48 11.15 -31.36
CA LEU A 294 -17.57 11.54 -30.48
C LEU A 294 -17.94 10.53 -29.39
N SER A 295 -17.64 9.25 -29.63
CA SER A 295 -17.94 8.20 -28.66
C SER A 295 -16.73 7.70 -27.83
N ASP A 296 -15.55 8.20 -28.16
CA ASP A 296 -14.32 7.83 -27.46
C ASP A 296 -14.35 8.31 -26.02
N ILE A 297 -13.89 7.46 -25.10
CA ILE A 297 -13.80 7.80 -23.67
C ILE A 297 -13.12 9.16 -23.40
N GLY A 298 -12.23 9.56 -24.32
CA GLY A 298 -11.56 10.87 -24.26
C GLY A 298 -12.48 12.07 -24.15
N THR A 299 -13.73 11.90 -24.60
CA THR A 299 -14.74 12.96 -24.57
C THR A 299 -15.25 13.28 -23.16
N ILE A 300 -15.10 12.34 -22.23
CA ILE A 300 -15.62 12.55 -20.87
C ILE A 300 -14.59 12.65 -19.74
N MET A 301 -13.32 12.83 -20.08
CA MET A 301 -12.28 12.92 -19.05
C MET A 301 -11.09 13.77 -19.42
N ARG A 302 -10.54 14.46 -18.41
CA ARG A 302 -9.21 15.05 -18.53
C ARG A 302 -8.17 14.00 -18.22
N VAL A 303 -7.00 14.13 -18.81
CA VAL A 303 -5.91 13.21 -18.57
C VAL A 303 -4.64 14.04 -18.39
N VAL A 304 -3.92 13.76 -17.31
CA VAL A 304 -2.66 14.43 -17.02
C VAL A 304 -1.62 13.39 -16.56
N GLU A 305 -0.37 13.62 -16.93
CA GLU A 305 0.71 12.74 -16.52
C GLU A 305 1.20 13.26 -15.16
N LEU A 306 1.23 12.38 -14.15
CA LEU A 306 1.78 12.75 -12.83
C LEU A 306 3.25 13.15 -12.96
N SER A 307 3.67 14.16 -12.19
CA SER A 307 5.05 14.63 -12.22
C SER A 307 5.99 13.47 -11.92
N PRO A 308 7.09 13.37 -12.67
CA PRO A 308 7.98 12.27 -12.36
C PRO A 308 8.67 12.45 -11.00
N LEU A 309 8.98 11.33 -10.36
CA LEU A 309 9.75 11.34 -9.13
C LEU A 309 11.23 11.37 -9.50
N LYS A 310 11.95 12.35 -8.97
CA LYS A 310 13.39 12.50 -9.28
C LYS A 310 14.18 11.33 -8.71
N TRP A 315 13.58 6.25 -19.69
CA TRP A 315 12.83 5.08 -20.16
C TRP A 315 13.59 3.78 -19.91
N THR A 316 12.89 2.79 -19.36
CA THR A 316 13.52 1.52 -18.93
C THR A 316 12.95 0.26 -19.58
N GLY A 317 11.65 0.25 -19.84
CA GLY A 317 10.94 -0.95 -20.29
C GLY A 317 9.81 -1.34 -19.35
N LYS A 318 9.98 -1.01 -18.06
CA LYS A 318 8.98 -1.23 -17.01
C LYS A 318 8.07 0.00 -16.82
N PRO A 319 6.84 -0.20 -16.29
CA PRO A 319 5.99 0.97 -15.99
C PRO A 319 6.64 1.96 -15.00
N VAL A 320 6.85 3.18 -15.45
CA VAL A 320 7.43 4.23 -14.60
C VAL A 320 6.42 5.34 -14.38
N SER A 321 5.94 5.92 -15.48
CA SER A 321 5.01 7.04 -15.45
C SER A 321 3.57 6.63 -15.15
N TYR A 322 2.88 7.46 -14.37
CA TYR A 322 1.47 7.22 -14.08
C TYR A 322 0.63 8.43 -14.50
N TYR A 323 -0.66 8.18 -14.72
CA TYR A 323 -1.53 9.17 -15.35
C TYR A 323 -2.84 9.29 -14.59
N LEU A 324 -3.25 10.54 -14.33
CA LEU A 324 -4.47 10.82 -13.63
C LEU A 324 -5.56 11.17 -14.62
N HIS A 325 -6.67 10.47 -14.53
CA HIS A 325 -7.85 10.74 -15.35
C HIS A 325 -8.94 11.27 -14.43
N THR A 326 -9.55 12.40 -14.79
CA THR A 326 -10.68 12.91 -14.00
C THR A 326 -11.95 12.98 -14.86
N ILE A 327 -13.04 12.37 -14.38
CA ILE A 327 -14.29 12.32 -15.12
C ILE A 327 -14.86 13.74 -15.22
N ASP A 328 -14.87 14.29 -16.44
CA ASP A 328 -15.28 15.69 -16.68
C ASP A 328 -16.14 15.76 -17.94
N ARG A 329 -17.45 15.77 -17.75
CA ARG A 329 -18.39 15.76 -18.88
C ARG A 329 -18.60 17.14 -19.50
N THR A 330 -18.15 18.19 -18.81
CA THR A 330 -18.24 19.54 -19.36
C THR A 330 -17.58 19.66 -20.74
N ILE A 331 -16.61 18.78 -21.01
CA ILE A 331 -15.89 18.75 -22.29
C ILE A 331 -16.82 18.36 -23.46
N LEU A 332 -17.64 17.33 -23.24
CA LEU A 332 -18.62 16.90 -24.23
C LEU A 332 -19.74 17.94 -24.38
N GLU A 333 -20.21 18.46 -23.24
CA GLU A 333 -21.23 19.50 -23.18
C GLU A 333 -20.80 20.73 -23.97
N ASN A 334 -19.56 21.16 -23.74
CA ASN A 334 -18.96 22.31 -24.42
C ASN A 334 -18.98 22.14 -25.94
N TYR A 335 -18.58 20.96 -26.41
CA TYR A 335 -18.52 20.70 -27.85
C TYR A 335 -19.89 20.87 -28.51
N PHE A 336 -20.94 20.48 -27.81
CA PHE A 336 -22.31 20.60 -28.31
C PHE A 336 -22.79 22.05 -28.32
N SER A 337 -22.50 22.80 -27.26
CA SER A 337 -22.77 24.24 -27.22
C SER A 337 -22.09 24.99 -28.36
N SER A 338 -20.93 24.51 -28.78
CA SER A 338 -20.21 25.11 -29.89
C SER A 338 -20.82 24.75 -31.25
N LEU A 339 -21.57 23.65 -31.30
CA LEU A 339 -22.27 23.25 -32.52
C LEU A 339 -23.53 24.08 -32.76
N LYS A 340 -23.83 24.99 -31.84
CA LYS A 340 -25.02 25.83 -31.89
C LYS A 340 -24.69 27.28 -32.22
#